data_4C2N
#
_entry.id   4C2N
#
_cell.length_a   56.103
_cell.length_b   84.207
_cell.length_c   133.174
_cell.angle_alpha   90.00
_cell.angle_beta   90.00
_cell.angle_gamma   90.00
#
_symmetry.space_group_name_H-M   'P 21 21 21'
#
loop_
_entity.id
_entity.type
_entity.pdbx_description
1 polymer 'ANGIOTENSIN-CONVERTING ENZYME'
2 branched beta-D-mannopyranose-(1-4)-2-acetamido-2-deoxy-beta-D-glucopyranose-(1-4)-2-acetamido-2-deoxy-beta-D-glucopyranose
3 non-polymer 'ZINC ION'
4 non-polymer 'CHLORIDE ION'
5 non-polymer 'SULFATE ION'
6 non-polymer 2-{2-[2-(2-{2-[2-(2-ETHOXY-ETHOXY)-ETHOXY]-ETHOXY}-ETHOXY)-ETHOXY]-ETHOXY}-ETHANOL
7 water water
#
_entity_poly.entity_id   1
_entity_poly.type   'polypeptide(L)'
_entity_poly.pdbx_seq_one_letter_code
;LVTDEAEASKFVEEYDRTSQVVWNEYAEANWNYNTNITTETSKILLQKNMQIANHTLKYGTQARKFDVNQLQNTTIKRII
KKVQDLERAALPAQELEEYNKILLDMETTYSVATVCHPNGSCLQLEPDLTNVMATSRKYEDLLWAWEGWRDKAGRAILQF
YPKYVELINQAARLNGYVDAGDSWRSMYETPSLEQDLERLFQELQPLYLNLHAYVRRALHRHYGAQHINLEGPIPAHLLG
NMWAQTWSNIYDLVVPFPSAPSMDTTEAMLKQGWTPRRMFKEADDFFTSLGLLPVPPEFWNKSMLEKPTDGREVVCHASA
WDFYNGKDFRIKQCTTVNLEDLVVAHHEMGHIQYFMQYKDLPVALRRGANPGFHEAIGDVLALSVSTPKHLHSLNLLSSE
GGSDEHDINFLMKMALDKIAFIPFSYLVDQWRWRVFDGSITKENYNQEWWSLRLKYQGLCPPVPRTQGDFDPGAKFHIPS
SVPYIRYFVSFIIQFQFHEALCQAAGHTGPLHKCDIYQSKEAGQRLATAMKLGFSRPWPEAMQLITGQPNMSASAMLSYF
KPLLDWLRTENELHGEKLGWPQYNWTPNS
;
_entity_poly.pdbx_strand_id   A
#
loop_
_chem_comp.id
_chem_comp.type
_chem_comp.name
_chem_comp.formula
BMA D-saccharide, beta linking beta-D-mannopyranose 'C6 H12 O6'
CL non-polymer 'CHLORIDE ION' 'Cl -1'
NAG D-saccharide, beta linking 2-acetamido-2-deoxy-beta-D-glucopyranose 'C8 H15 N O6'
PE4 non-polymer 2-{2-[2-(2-{2-[2-(2-ETHOXY-ETHOXY)-ETHOXY]-ETHOXY}-ETHOXY)-ETHOXY]-ETHOXY}-ETHANOL 'C16 H34 O8'
SO4 non-polymer 'SULFATE ION' 'O4 S -2'
ZN non-polymer 'ZINC ION' 'Zn 2'
#
# COMPACT_ATOMS: atom_id res chain seq x y z
N ASP A 4 9.14 -35.41 19.27
CA ASP A 4 8.53 -35.10 20.59
C ASP A 4 8.37 -33.59 20.83
N GLU A 5 7.48 -33.25 21.75
CA GLU A 5 7.11 -31.86 22.03
C GLU A 5 8.24 -31.03 22.66
N ALA A 6 9.05 -31.68 23.48
CA ALA A 6 10.11 -31.01 24.24
C ALA A 6 11.23 -30.44 23.36
N GLU A 7 11.70 -31.24 22.41
CA GLU A 7 12.73 -30.80 21.46
C GLU A 7 12.22 -29.70 20.55
N ALA A 8 10.91 -29.72 20.29
CA ALA A 8 10.26 -28.74 19.42
C ALA A 8 10.26 -27.32 19.99
N SER A 9 10.00 -27.19 21.29
CA SER A 9 9.99 -25.88 21.95
C SER A 9 11.42 -25.35 22.17
N LYS A 10 12.36 -26.27 22.36
CA LYS A 10 13.77 -25.92 22.45
C LYS A 10 14.24 -25.32 21.13
N PHE A 11 13.90 -25.97 20.02
CA PHE A 11 14.24 -25.50 18.68
C PHE A 11 13.70 -24.10 18.38
N VAL A 12 12.47 -23.84 18.81
CA VAL A 12 11.83 -22.53 18.64
C VAL A 12 12.60 -21.45 19.42
N GLU A 13 13.03 -21.80 20.63
CA GLU A 13 13.83 -20.91 21.46
C GLU A 13 15.17 -20.59 20.79
N GLU A 14 15.85 -21.62 20.30
CA GLU A 14 17.12 -21.49 19.59
C GLU A 14 16.99 -20.62 18.33
N TYR A 15 15.94 -20.89 17.55
CA TYR A 15 15.65 -20.13 16.34
C TYR A 15 15.45 -18.64 16.65
N ASP A 16 14.67 -18.37 17.69
CA ASP A 16 14.33 -17.01 18.10
C ASP A 16 15.55 -16.16 18.45
N ARG A 17 16.45 -16.72 19.26
CA ARG A 17 17.67 -16.01 19.69
C ARG A 17 18.59 -15.71 18.50
N THR A 18 18.79 -16.71 17.64
CA THR A 18 19.68 -16.58 16.49
C THR A 18 19.08 -15.68 15.40
N SER A 19 17.76 -15.75 15.22
CA SER A 19 17.06 -14.90 14.26
C SER A 19 17.21 -13.43 14.62
N GLN A 20 16.97 -13.10 15.89
CA GLN A 20 17.12 -11.73 16.39
C GLN A 20 18.42 -11.09 15.94
N VAL A 21 19.53 -11.80 16.14
CA VAL A 21 20.86 -11.28 15.82
C VAL A 21 21.04 -11.11 14.31
N VAL A 22 20.72 -12.16 13.55
CA VAL A 22 20.94 -12.15 12.10
C VAL A 22 19.95 -11.24 11.35
N TRP A 23 18.71 -11.15 11.83
CA TRP A 23 17.69 -10.27 11.26
C TRP A 23 18.03 -8.81 11.56
N ASN A 24 18.60 -8.56 12.74
CA ASN A 24 19.07 -7.24 13.13
C ASN A 24 20.20 -6.73 12.22
N GLU A 25 21.14 -7.62 11.92
CA GLU A 25 22.28 -7.29 11.05
C GLU A 25 21.84 -7.02 9.61
N TYR A 26 20.83 -7.75 9.14
CA TYR A 26 20.34 -7.55 7.77
C TYR A 26 19.59 -6.23 7.61
N ALA A 27 18.84 -5.85 8.64
CA ALA A 27 18.03 -4.63 8.60
C ALA A 27 18.90 -3.37 8.43
N GLU A 28 19.98 -3.29 9.21
CA GLU A 28 20.96 -2.20 9.09
C GLU A 28 21.60 -2.17 7.70
N ALA A 29 22.01 -3.34 7.22
CA ALA A 29 22.61 -3.48 5.89
C ALA A 29 21.65 -3.07 4.78
N ASN A 30 20.36 -3.35 4.98
CA ASN A 30 19.31 -2.97 4.04
C ASN A 30 18.97 -1.49 4.14
N TRP A 31 19.05 -0.95 5.35
CA TRP A 31 18.81 0.48 5.60
C TRP A 31 19.83 1.35 4.85
N ASN A 32 21.10 0.99 4.98
CA ASN A 32 22.20 1.75 4.39
C ASN A 32 22.16 1.82 2.87
N TYR A 33 21.66 0.77 2.22
CA TYR A 33 21.43 0.81 0.79
C TYR A 33 20.21 1.67 0.43
N ASN A 34 19.10 1.45 1.15
CA ASN A 34 17.85 2.18 0.93
C ASN A 34 17.96 3.70 1.14
N THR A 35 18.81 4.10 2.08
CA THR A 35 19.01 5.52 2.41
C THR A 35 20.27 6.09 1.76
N ASN A 36 21.02 5.25 1.04
CA ASN A 36 22.25 5.65 0.35
C ASN A 36 22.64 4.64 -0.75
N ILE A 37 22.00 4.78 -1.91
CA ILE A 37 22.26 3.88 -3.04
C ILE A 37 23.62 4.17 -3.68
N THR A 38 24.59 3.33 -3.36
CA THR A 38 25.93 3.37 -3.95
C THR A 38 26.33 1.95 -4.42
N THR A 39 27.61 1.75 -4.71
CA THR A 39 28.10 0.42 -5.10
C THR A 39 28.59 -0.36 -3.88
N GLU A 40 29.25 0.34 -2.94
CA GLU A 40 29.75 -0.26 -1.71
C GLU A 40 28.62 -0.89 -0.88
N THR A 41 27.62 -0.08 -0.54
CA THR A 41 26.50 -0.53 0.29
C THR A 41 25.66 -1.62 -0.39
N SER A 42 25.64 -1.61 -1.72
CA SER A 42 24.89 -2.61 -2.51
C SER A 42 25.46 -4.02 -2.37
N LYS A 43 26.78 -4.16 -2.48
CA LYS A 43 27.43 -5.46 -2.37
C LYS A 43 27.54 -5.94 -0.92
N ILE A 44 27.56 -5.01 0.03
CA ILE A 44 27.47 -5.32 1.45
C ILE A 44 26.10 -5.97 1.75
N LEU A 45 25.06 -5.42 1.12
CA LEU A 45 23.70 -5.98 1.18
C LEU A 45 23.62 -7.35 0.49
N LEU A 46 24.32 -7.49 -0.63
CA LEU A 46 24.37 -8.75 -1.36
C LEU A 46 25.11 -9.84 -0.59
N GLN A 47 26.05 -9.42 0.27
CA GLN A 47 26.81 -10.36 1.11
C GLN A 47 26.09 -10.67 2.42
N LYS A 48 25.38 -9.68 2.96
CA LYS A 48 24.51 -9.88 4.12
C LYS A 48 23.28 -10.71 3.74
N ASN A 49 22.99 -10.75 2.44
CA ASN A 49 21.96 -11.65 1.90
C ASN A 49 22.36 -13.12 2.02
N MET A 50 23.64 -13.40 1.85
CA MET A 50 24.15 -14.77 1.94
C MET A 50 24.25 -15.23 3.39
N GLN A 51 24.53 -14.29 4.29
CA GLN A 51 24.61 -14.58 5.72
C GLN A 51 23.24 -14.96 6.29
N ILE A 52 22.22 -14.18 5.95
CA ILE A 52 20.86 -14.45 6.41
C ILE A 52 20.24 -15.70 5.74
N ALA A 53 20.70 -16.01 4.52
CA ALA A 53 20.28 -17.22 3.81
C ALA A 53 20.89 -18.48 4.44
N ASN A 54 22.12 -18.36 4.94
CA ASN A 54 22.76 -19.44 5.70
C ASN A 54 21.97 -19.80 6.96
N HIS A 55 21.55 -18.77 7.69
CA HIS A 55 20.71 -18.95 8.87
C HIS A 55 19.37 -19.57 8.50
N THR A 56 18.76 -19.10 7.41
CA THR A 56 17.46 -19.60 6.96
C THR A 56 17.56 -21.06 6.53
N LEU A 57 18.60 -21.39 5.76
CA LEU A 57 18.84 -22.75 5.30
C LEU A 57 19.12 -23.70 6.46
N LYS A 58 19.99 -23.26 7.38
CA LYS A 58 20.37 -24.06 8.54
C LYS A 58 19.18 -24.42 9.43
N TYR A 59 18.37 -23.42 9.78
CA TYR A 59 17.23 -23.62 10.67
C TYR A 59 15.98 -24.16 9.96
N GLY A 60 15.86 -23.88 8.67
CA GLY A 60 14.75 -24.39 7.86
C GLY A 60 14.87 -25.88 7.58
N THR A 61 16.11 -26.35 7.45
CA THR A 61 16.39 -27.78 7.30
C THR A 61 16.00 -28.53 8.57
N GLN A 62 16.40 -27.98 9.74
CA GLN A 62 16.07 -28.57 11.04
C GLN A 62 14.56 -28.64 11.30
N ALA A 63 13.85 -27.60 10.88
CA ALA A 63 12.40 -27.51 11.06
C ALA A 63 11.63 -28.57 10.26
N ARG A 64 12.14 -28.91 9.08
CA ARG A 64 11.52 -29.90 8.20
C ARG A 64 11.69 -31.33 8.73
N LYS A 65 12.61 -31.50 9.67
CA LYS A 65 12.83 -32.78 10.33
C LYS A 65 11.84 -32.98 11.48
N PHE A 66 11.10 -31.92 11.80
CA PHE A 66 10.01 -31.97 12.75
C PHE A 66 8.70 -32.27 12.04
N ASP A 67 7.97 -33.26 12.54
CA ASP A 67 6.63 -33.55 12.04
C ASP A 67 5.62 -32.66 12.76
N VAL A 68 5.41 -31.46 12.22
CA VAL A 68 4.41 -30.50 12.72
C VAL A 68 3.11 -31.22 13.05
N ASN A 69 2.85 -32.27 12.28
CA ASN A 69 1.69 -33.14 12.43
C ASN A 69 1.52 -33.80 13.81
N GLN A 70 2.63 -34.00 14.51
CA GLN A 70 2.64 -34.69 15.81
C GLN A 70 2.78 -33.76 17.01
N LEU A 71 2.48 -32.48 16.82
CA LEU A 71 2.72 -31.47 17.85
C LEU A 71 1.44 -30.91 18.49
N GLN A 72 1.38 -31.00 19.81
CA GLN A 72 0.21 -30.57 20.59
C GLN A 72 0.11 -29.05 20.75
N ASN A 73 1.13 -28.43 21.35
CA ASN A 73 1.14 -26.97 21.52
C ASN A 73 1.08 -26.29 20.15
N THR A 74 0.01 -25.52 19.94
CA THR A 74 -0.27 -24.92 18.63
C THR A 74 0.65 -23.73 18.30
N THR A 75 1.08 -22.99 19.33
CA THR A 75 2.00 -21.86 19.15
C THR A 75 3.37 -22.34 18.65
N ILE A 76 3.85 -23.45 19.23
CA ILE A 76 5.08 -24.10 18.78
C ILE A 76 4.89 -24.68 17.38
N LYS A 77 3.74 -25.36 17.20
CA LYS A 77 3.35 -25.96 15.93
C LYS A 77 3.34 -24.93 14.78
N ARG A 78 2.86 -23.73 15.11
CA ARG A 78 2.74 -22.64 14.14
C ARG A 78 4.10 -22.11 13.68
N ILE A 79 4.97 -21.78 14.64
CA ILE A 79 6.29 -21.22 14.35
C ILE A 79 7.14 -22.16 13.48
N ILE A 80 7.18 -23.43 13.86
CA ILE A 80 7.96 -24.44 13.14
C ILE A 80 7.49 -24.59 11.68
N LYS A 81 6.17 -24.57 11.49
CA LYS A 81 5.57 -24.66 10.16
C LYS A 81 6.01 -23.48 9.26
N LYS A 82 6.17 -22.31 9.87
CA LYS A 82 6.65 -21.13 9.16
C LYS A 82 8.14 -21.22 8.80
N VAL A 83 8.95 -21.77 9.70
CA VAL A 83 10.40 -21.90 9.49
C VAL A 83 10.72 -22.86 8.34
N GLN A 84 9.83 -23.83 8.12
CA GLN A 84 9.96 -24.79 7.01
C GLN A 84 9.94 -24.11 5.63
N ASP A 85 9.45 -22.88 5.60
CA ASP A 85 9.44 -22.05 4.39
C ASP A 85 10.74 -21.23 4.30
N LEU A 86 11.63 -21.66 3.41
CA LEU A 86 12.96 -21.05 3.28
C LEU A 86 12.96 -19.75 2.47
N GLU A 87 11.89 -19.53 1.71
CA GLU A 87 11.82 -18.44 0.71
C GLU A 87 12.91 -18.64 -0.34
N ARG A 88 13.61 -17.57 -0.69
CA ARG A 88 14.70 -17.60 -1.67
C ARG A 88 15.85 -18.54 -1.28
N ALA A 89 16.02 -18.77 0.02
CA ALA A 89 17.11 -19.60 0.54
C ALA A 89 17.02 -21.07 0.11
N ALA A 90 15.86 -21.47 -0.39
CA ALA A 90 15.66 -22.82 -0.92
C ALA A 90 16.41 -23.05 -2.23
N LEU A 91 16.75 -21.95 -2.93
CA LEU A 91 17.42 -22.01 -4.22
C LEU A 91 18.86 -22.47 -4.07
N PRO A 92 19.40 -23.15 -5.10
CA PRO A 92 20.84 -23.40 -5.22
C PRO A 92 21.63 -22.10 -5.24
N ALA A 93 22.88 -22.15 -4.80
CA ALA A 93 23.73 -20.97 -4.60
C ALA A 93 23.76 -19.99 -5.79
N GLN A 94 24.02 -20.51 -6.98
CA GLN A 94 24.12 -19.68 -8.20
C GLN A 94 22.83 -18.93 -8.49
N GLU A 95 21.71 -19.65 -8.38
CA GLU A 95 20.39 -19.06 -8.65
C GLU A 95 19.95 -18.10 -7.54
N LEU A 96 20.44 -18.32 -6.32
CA LEU A 96 20.16 -17.42 -5.20
C LEU A 96 20.83 -16.07 -5.39
N GLU A 97 22.11 -16.08 -5.78
CA GLU A 97 22.83 -14.83 -6.02
C GLU A 97 22.31 -14.11 -7.26
N GLU A 98 21.89 -14.88 -8.27
CA GLU A 98 21.26 -14.31 -9.46
C GLU A 98 19.95 -13.60 -9.10
N TYR A 99 19.11 -14.28 -8.32
CA TYR A 99 17.83 -13.72 -7.88
C TYR A 99 18.00 -12.46 -7.03
N ASN A 100 18.98 -12.47 -6.14
CA ASN A 100 19.26 -11.31 -5.29
C ASN A 100 19.77 -10.11 -6.09
N LYS A 101 20.59 -10.40 -7.10
CA LYS A 101 21.13 -9.37 -7.99
C LYS A 101 20.04 -8.72 -8.83
N ILE A 102 19.16 -9.55 -9.41
CA ILE A 102 18.04 -9.07 -10.23
C ILE A 102 17.12 -8.12 -9.44
N LEU A 103 16.77 -8.50 -8.22
CA LEU A 103 15.98 -7.65 -7.33
C LEU A 103 16.66 -6.32 -7.06
N LEU A 104 17.96 -6.36 -6.79
CA LEU A 104 18.76 -5.16 -6.56
C LEU A 104 18.84 -4.29 -7.81
N ASP A 105 18.96 -4.93 -8.98
CA ASP A 105 18.96 -4.23 -10.26
C ASP A 105 17.63 -3.55 -10.54
N MET A 106 16.53 -4.26 -10.28
CA MET A 106 15.18 -3.72 -10.48
C MET A 106 14.88 -2.53 -9.57
N GLU A 107 15.22 -2.66 -8.28
CA GLU A 107 15.03 -1.61 -7.30
C GLU A 107 15.85 -0.35 -7.60
N THR A 108 17.07 -0.54 -8.10
CA THR A 108 17.94 0.58 -8.48
C THR A 108 17.45 1.26 -9.75
N THR A 109 17.18 0.47 -10.78
CA THR A 109 16.65 0.99 -12.05
C THR A 109 15.46 1.93 -11.80
N TYR A 110 14.51 1.48 -10.98
CA TYR A 110 13.32 2.24 -10.65
C TYR A 110 13.67 3.54 -9.93
N SER A 111 14.51 3.43 -8.90
CA SER A 111 14.80 4.55 -8.01
C SER A 111 15.67 5.66 -8.62
N VAL A 112 16.49 5.32 -9.61
CA VAL A 112 17.40 6.29 -10.22
C VAL A 112 16.90 6.84 -11.56
N ALA A 113 15.82 6.26 -12.08
CA ALA A 113 15.26 6.65 -13.38
C ALA A 113 14.77 8.10 -13.38
N THR A 114 15.08 8.82 -14.45
CA THR A 114 14.65 10.21 -14.62
C THR A 114 14.07 10.43 -16.01
N VAL A 115 13.18 11.42 -16.11
CA VAL A 115 12.58 11.81 -17.40
C VAL A 115 13.06 13.22 -17.75
N CYS A 116 13.78 13.33 -18.85
CA CYS A 116 14.46 14.57 -19.22
C CYS A 116 13.82 15.29 -20.41
N HIS A 117 13.86 16.62 -20.36
CA HIS A 117 13.45 17.46 -21.49
C HIS A 117 14.52 17.42 -22.58
N PRO A 118 14.14 17.79 -23.83
CA PRO A 118 15.04 17.76 -24.99
C PRO A 118 16.52 17.96 -24.64
N ASN A 119 16.85 19.11 -24.06
CA ASN A 119 18.21 19.39 -23.59
C ASN A 119 18.23 20.36 -22.40
N GLY A 120 17.51 19.98 -21.34
CA GLY A 120 17.38 20.80 -20.14
C GLY A 120 17.27 19.99 -18.86
N SER A 121 16.19 20.23 -18.12
CA SER A 121 15.98 19.62 -16.81
C SER A 121 15.63 18.14 -16.87
N CYS A 122 16.16 17.38 -15.90
CA CYS A 122 15.80 15.98 -15.72
C CYS A 122 14.97 15.84 -14.44
N LEU A 123 13.78 15.24 -14.57
CA LEU A 123 12.83 15.15 -13.48
C LEU A 123 12.81 13.77 -12.83
N GLN A 124 12.73 13.75 -11.51
CA GLN A 124 12.61 12.51 -10.75
C GLN A 124 11.14 12.23 -10.43
N LEU A 125 10.83 11.00 -10.02
CA LEU A 125 9.45 10.62 -9.72
C LEU A 125 8.85 11.47 -8.60
N GLU A 126 9.60 11.58 -7.51
CA GLU A 126 9.21 12.42 -6.38
C GLU A 126 10.28 13.48 -6.13
N PRO A 127 9.85 14.75 -6.01
CA PRO A 127 8.46 15.20 -6.08
C PRO A 127 8.03 15.69 -7.47
N ASP A 128 8.97 15.76 -8.42
CA ASP A 128 8.76 16.43 -9.70
C ASP A 128 7.57 15.89 -10.50
N LEU A 129 7.65 14.62 -10.89
CA LEU A 129 6.63 14.00 -11.73
C LEU A 129 5.31 13.84 -10.98
N THR A 130 5.41 13.55 -9.68
CA THR A 130 4.26 13.52 -8.77
C THR A 130 3.55 14.89 -8.79
N ASN A 131 4.33 15.96 -8.71
CA ASN A 131 3.81 17.32 -8.72
C ASN A 131 3.14 17.69 -10.04
N VAL A 132 3.73 17.26 -11.16
CA VAL A 132 3.15 17.50 -12.48
C VAL A 132 1.83 16.76 -12.65
N MET A 133 1.80 15.49 -12.24
CA MET A 133 0.59 14.69 -12.35
C MET A 133 -0.55 15.26 -11.50
N ALA A 134 -0.20 15.86 -10.37
CA ALA A 134 -1.18 16.41 -9.44
C ALA A 134 -1.71 17.79 -9.83
N THR A 135 -0.82 18.67 -10.31
CA THR A 135 -1.18 20.08 -10.49
C THR A 135 -1.47 20.50 -11.94
N SER A 136 -0.73 19.94 -12.90
CA SER A 136 -0.95 20.27 -14.31
C SER A 136 -2.38 19.96 -14.75
N ARG A 137 -2.93 20.82 -15.59
CA ARG A 137 -4.27 20.64 -16.13
C ARG A 137 -4.25 20.67 -17.66
N LYS A 138 -3.05 20.55 -18.21
CA LYS A 138 -2.85 20.49 -19.65
C LYS A 138 -2.65 19.04 -20.09
N TYR A 139 -3.51 18.60 -21.01
CA TYR A 139 -3.55 17.22 -21.50
C TYR A 139 -2.18 16.68 -21.94
N GLU A 140 -1.46 17.48 -22.72
CA GLU A 140 -0.19 17.07 -23.30
C GLU A 140 0.96 17.02 -22.29
N ASP A 141 0.94 17.94 -21.33
CA ASP A 141 1.95 17.98 -20.27
C ASP A 141 1.82 16.79 -19.34
N LEU A 142 0.58 16.45 -18.99
CA LEU A 142 0.30 15.25 -18.21
C LEU A 142 0.73 14.00 -18.96
N LEU A 143 0.48 14.00 -20.26
CA LEU A 143 0.89 12.92 -21.15
C LEU A 143 2.42 12.79 -21.23
N TRP A 144 3.11 13.93 -21.29
CA TRP A 144 4.58 13.95 -21.27
C TRP A 144 5.13 13.23 -20.04
N ALA A 145 4.54 13.52 -18.87
CA ALA A 145 4.95 12.90 -17.62
C ALA A 145 4.52 11.43 -17.52
N TRP A 146 3.29 11.14 -17.94
CA TRP A 146 2.74 9.78 -17.91
C TRP A 146 3.54 8.83 -18.80
N GLU A 147 3.65 9.19 -20.09
CA GLU A 147 4.40 8.40 -21.06
C GLU A 147 5.88 8.32 -20.73
N GLY A 148 6.47 9.47 -20.42
CA GLY A 148 7.90 9.59 -20.12
C GLY A 148 8.36 8.69 -18.98
N TRP A 149 7.57 8.65 -17.90
CA TRP A 149 7.88 7.79 -16.78
C TRP A 149 7.84 6.31 -17.15
N ARG A 150 6.85 5.94 -17.96
CA ARG A 150 6.72 4.56 -18.41
C ARG A 150 7.81 4.18 -19.44
N ASP A 151 8.23 5.15 -20.25
CA ASP A 151 9.30 4.96 -21.21
C ASP A 151 10.65 4.68 -20.54
N LYS A 152 10.88 5.30 -19.38
CA LYS A 152 12.17 5.17 -18.68
C LYS A 152 12.16 4.07 -17.63
N ALA A 153 11.23 4.17 -16.67
CA ALA A 153 11.15 3.21 -15.58
C ALA A 153 10.58 1.85 -16.02
N GLY A 154 9.43 1.88 -16.68
CA GLY A 154 8.74 0.67 -17.11
C GLY A 154 9.52 -0.16 -18.12
N ARG A 155 9.95 0.46 -19.20
CA ARG A 155 10.66 -0.22 -20.29
C ARG A 155 11.96 -0.88 -19.84
N ALA A 156 12.67 -0.23 -18.93
CA ALA A 156 13.97 -0.75 -18.46
C ALA A 156 13.84 -1.87 -17.43
N ILE A 157 12.65 -2.01 -16.84
CA ILE A 157 12.38 -3.10 -15.91
C ILE A 157 12.08 -4.40 -16.68
N LEU A 158 11.59 -4.26 -17.91
CA LEU A 158 11.16 -5.42 -18.71
C LEU A 158 12.24 -6.48 -18.88
N GLN A 159 13.50 -6.06 -18.98
CA GLN A 159 14.62 -6.99 -19.17
C GLN A 159 14.84 -7.92 -17.98
N PHE A 160 14.55 -7.44 -16.78
CA PHE A 160 14.79 -8.19 -15.55
C PHE A 160 13.62 -9.11 -15.13
N TYR A 161 12.42 -8.82 -15.65
CA TYR A 161 11.20 -9.42 -15.07
C TYR A 161 10.90 -10.91 -15.35
N PRO A 162 11.14 -11.40 -16.58
CA PRO A 162 10.90 -12.82 -16.85
C PRO A 162 11.75 -13.76 -15.98
N LYS A 163 13.03 -13.44 -15.82
CA LYS A 163 13.93 -14.24 -14.98
C LYS A 163 13.56 -14.12 -13.50
N TYR A 164 13.08 -12.95 -13.10
CA TYR A 164 12.56 -12.74 -11.75
C TYR A 164 11.37 -13.64 -11.46
N VAL A 165 10.44 -13.72 -12.42
CA VAL A 165 9.27 -14.58 -12.32
C VAL A 165 9.71 -16.04 -12.21
N GLU A 166 10.65 -16.44 -13.07
CA GLU A 166 11.18 -17.79 -13.10
C GLU A 166 11.79 -18.21 -11.75
N LEU A 167 12.62 -17.34 -11.18
CA LEU A 167 13.34 -17.67 -9.95
C LEU A 167 12.46 -17.61 -8.70
N ILE A 168 11.56 -16.63 -8.64
CA ILE A 168 10.66 -16.50 -7.50
C ILE A 168 9.64 -17.66 -7.46
N ASN A 169 9.25 -18.14 -8.64
CA ASN A 169 8.39 -19.32 -8.74
C ASN A 169 9.12 -20.58 -8.32
N GLN A 170 10.38 -20.71 -8.76
CA GLN A 170 11.24 -21.82 -8.39
C GLN A 170 11.39 -21.93 -6.88
N ALA A 171 11.60 -20.80 -6.22
CA ALA A 171 11.70 -20.74 -4.75
C ALA A 171 10.40 -21.25 -4.11
N ALA A 172 9.26 -20.83 -4.66
CA ALA A 172 7.96 -21.22 -4.15
C ALA A 172 7.67 -22.71 -4.34
N ARG A 173 8.07 -23.26 -5.48
CA ARG A 173 7.92 -24.69 -5.77
C ARG A 173 8.76 -25.53 -4.82
N LEU A 174 9.96 -25.04 -4.53
CA LEU A 174 10.89 -25.69 -3.61
C LEU A 174 10.41 -25.61 -2.16
N ASN A 175 9.46 -24.72 -1.89
CA ASN A 175 8.89 -24.58 -0.55
C ASN A 175 7.48 -25.18 -0.42
N GLY A 176 7.07 -25.92 -1.45
CA GLY A 176 5.80 -26.64 -1.42
C GLY A 176 4.60 -25.97 -2.08
N TYR A 177 4.80 -24.81 -2.71
CA TYR A 177 3.72 -24.10 -3.41
C TYR A 177 3.79 -24.37 -4.91
N VAL A 178 2.71 -24.11 -5.62
CA VAL A 178 2.71 -24.26 -7.08
C VAL A 178 3.42 -23.10 -7.79
N ASP A 179 3.27 -21.89 -7.24
CA ASP A 179 3.93 -20.69 -7.75
C ASP A 179 3.98 -19.60 -6.68
N ALA A 180 4.57 -18.45 -7.01
CA ALA A 180 4.80 -17.36 -6.06
C ALA A 180 3.51 -16.70 -5.57
N GLY A 181 2.51 -16.64 -6.45
CA GLY A 181 1.20 -16.07 -6.11
C GLY A 181 0.52 -16.89 -5.02
N ASP A 182 0.55 -18.20 -5.21
CA ASP A 182 0.08 -19.16 -4.21
C ASP A 182 0.78 -18.94 -2.86
N SER A 183 2.09 -18.70 -2.90
CA SER A 183 2.91 -18.45 -1.73
C SER A 183 2.50 -17.17 -1.01
N TRP A 184 2.30 -16.10 -1.78
CA TRP A 184 1.86 -14.81 -1.26
C TRP A 184 0.46 -14.86 -0.65
N ARG A 185 -0.46 -15.55 -1.33
CA ARG A 185 -1.83 -15.69 -0.83
C ARG A 185 -1.90 -16.46 0.49
N SER A 186 -0.96 -17.39 0.70
CA SER A 186 -0.93 -18.22 1.89
C SER A 186 -0.73 -17.41 3.17
N MET A 187 -0.18 -16.20 3.02
CA MET A 187 0.05 -15.29 4.16
C MET A 187 -1.24 -14.97 4.92
N TYR A 188 -2.37 -15.03 4.22
CA TYR A 188 -3.68 -14.72 4.80
C TYR A 188 -4.34 -15.92 5.47
N GLU A 189 -3.78 -17.11 5.26
CA GLU A 189 -4.28 -18.35 5.84
C GLU A 189 -5.79 -18.55 5.62
N THR A 190 -6.25 -18.18 4.43
CA THR A 190 -7.67 -18.20 4.11
C THR A 190 -7.90 -18.87 2.75
N PRO A 191 -8.33 -20.15 2.76
CA PRO A 191 -8.53 -20.92 1.53
C PRO A 191 -9.54 -20.29 0.57
N SER A 192 -10.45 -19.50 1.11
CA SER A 192 -11.51 -18.87 0.32
C SER A 192 -11.19 -17.41 -0.05
N LEU A 193 -9.92 -17.01 0.14
CA LEU A 193 -9.49 -15.63 -0.06
C LEU A 193 -9.94 -15.01 -1.38
N GLU A 194 -9.70 -15.70 -2.48
CA GLU A 194 -10.01 -15.18 -3.82
C GLU A 194 -11.50 -14.87 -4.02
N GLN A 195 -12.35 -15.79 -3.56
CA GLN A 195 -13.80 -15.60 -3.61
C GLN A 195 -14.27 -14.55 -2.60
N ASP A 196 -13.57 -14.49 -1.46
CA ASP A 196 -13.86 -13.47 -0.43
C ASP A 196 -13.56 -12.06 -0.96
N LEU A 197 -12.45 -11.92 -1.67
CA LEU A 197 -12.04 -10.63 -2.23
C LEU A 197 -12.93 -10.22 -3.40
N GLU A 198 -13.37 -11.20 -4.18
CA GLU A 198 -14.28 -10.97 -5.30
C GLU A 198 -15.64 -10.43 -4.83
N ARG A 199 -16.20 -11.03 -3.78
CA ARG A 199 -17.48 -10.58 -3.23
C ARG A 199 -17.39 -9.19 -2.62
N LEU A 200 -16.26 -8.90 -1.96
CA LEU A 200 -16.02 -7.57 -1.41
C LEU A 200 -15.91 -6.51 -2.51
N PHE A 201 -15.28 -6.88 -3.61
CA PHE A 201 -15.16 -6.00 -4.77
C PHE A 201 -16.49 -5.72 -5.44
N GLN A 202 -17.31 -6.77 -5.58
CA GLN A 202 -18.63 -6.65 -6.21
C GLN A 202 -19.59 -5.74 -5.43
N GLU A 203 -19.43 -5.75 -4.10
CA GLU A 203 -20.26 -4.93 -3.20
C GLU A 203 -19.96 -3.44 -3.32
N LEU A 204 -18.78 -3.09 -3.83
CA LEU A 204 -18.37 -1.70 -3.99
C LEU A 204 -18.45 -1.21 -5.45
N GLN A 205 -18.87 -2.11 -6.33
CA GLN A 205 -19.13 -1.78 -7.73
C GLN A 205 -20.11 -0.61 -7.92
N PRO A 206 -21.30 -0.66 -7.27
CA PRO A 206 -22.25 0.45 -7.45
C PRO A 206 -21.68 1.80 -7.01
N LEU A 207 -20.86 1.80 -5.97
CA LEU A 207 -20.26 3.03 -5.46
C LEU A 207 -19.13 3.54 -6.34
N TYR A 208 -18.30 2.62 -6.87
CA TYR A 208 -17.23 3.01 -7.75
C TYR A 208 -17.73 3.47 -9.12
N LEU A 209 -18.71 2.74 -9.67
CA LEU A 209 -19.24 3.06 -11.00
C LEU A 209 -19.93 4.42 -11.03
N ASN A 210 -20.54 4.78 -9.91
CA ASN A 210 -21.16 6.11 -9.75
C ASN A 210 -20.13 7.23 -9.59
N LEU A 211 -19.01 6.93 -8.93
CA LEU A 211 -17.90 7.88 -8.83
C LEU A 211 -17.18 8.03 -10.18
N HIS A 212 -16.97 6.90 -10.85
CA HIS A 212 -16.37 6.88 -12.18
C HIS A 212 -17.16 7.76 -13.16
N ALA A 213 -18.45 7.50 -13.27
CA ALA A 213 -19.33 8.20 -14.20
C ALA A 213 -19.38 9.70 -13.94
N TYR A 214 -19.39 10.08 -12.66
CA TYR A 214 -19.43 11.48 -12.25
C TYR A 214 -18.11 12.20 -12.56
N VAL A 215 -17.00 11.55 -12.24
CA VAL A 215 -15.66 12.08 -12.50
C VAL A 215 -15.39 12.18 -14.00
N ARG A 216 -15.82 11.18 -14.76
CA ARG A 216 -15.75 11.18 -16.22
C ARG A 216 -16.49 12.38 -16.82
N ARG A 217 -17.66 12.68 -16.27
CA ARG A 217 -18.45 13.85 -16.66
C ARG A 217 -17.68 15.15 -16.39
N ALA A 218 -17.05 15.22 -15.22
CA ALA A 218 -16.28 16.39 -14.82
C ALA A 218 -15.05 16.61 -15.71
N LEU A 219 -14.45 15.50 -16.16
CA LEU A 219 -13.32 15.55 -17.07
C LEU A 219 -13.76 15.91 -18.49
N HIS A 220 -14.93 15.43 -18.88
CA HIS A 220 -15.54 15.77 -20.16
C HIS A 220 -15.76 17.27 -20.24
N ARG A 221 -16.19 17.85 -19.12
CA ARG A 221 -16.40 19.29 -18.98
C ARG A 221 -15.11 20.10 -19.22
N HIS A 222 -14.01 19.66 -18.59
CA HIS A 222 -12.75 20.41 -18.64
C HIS A 222 -11.87 20.11 -19.86
N TYR A 223 -11.69 18.83 -20.18
CA TYR A 223 -10.78 18.43 -21.25
C TYR A 223 -11.44 18.35 -22.63
N GLY A 224 -12.76 18.55 -22.68
CA GLY A 224 -13.49 18.66 -23.94
C GLY A 224 -14.05 17.36 -24.46
N ALA A 225 -15.12 17.47 -25.25
CA ALA A 225 -15.86 16.32 -25.79
C ALA A 225 -15.05 15.40 -26.70
N GLN A 226 -14.03 15.95 -27.36
CA GLN A 226 -13.19 15.19 -28.28
C GLN A 226 -12.22 14.24 -27.58
N HIS A 227 -12.01 14.46 -26.29
CA HIS A 227 -11.00 13.71 -25.54
C HIS A 227 -11.59 12.80 -24.47
N ILE A 228 -12.89 12.94 -24.21
CA ILE A 228 -13.59 12.10 -23.25
C ILE A 228 -14.84 11.49 -23.88
N ASN A 229 -14.92 10.17 -23.85
CA ASN A 229 -16.12 9.45 -24.24
C ASN A 229 -16.94 9.08 -23.00
N LEU A 230 -18.13 9.65 -22.90
CA LEU A 230 -18.98 9.49 -21.72
C LEU A 230 -19.58 8.09 -21.56
N GLU A 231 -19.29 7.21 -22.52
CA GLU A 231 -19.70 5.81 -22.45
C GLU A 231 -18.47 4.89 -22.53
N GLY A 232 -17.28 5.50 -22.50
CA GLY A 232 -16.04 4.76 -22.62
C GLY A 232 -15.14 4.93 -21.39
N PRO A 233 -14.00 4.22 -21.38
CA PRO A 233 -13.05 4.31 -20.27
C PRO A 233 -12.34 5.65 -20.20
N ILE A 234 -11.96 6.05 -18.99
CA ILE A 234 -11.26 7.32 -18.75
C ILE A 234 -9.78 7.17 -19.09
N PRO A 235 -9.21 8.12 -19.84
CA PRO A 235 -7.77 8.15 -20.09
C PRO A 235 -6.96 8.17 -18.79
N ALA A 236 -6.03 7.22 -18.67
CA ALA A 236 -5.34 6.91 -17.42
C ALA A 236 -4.51 8.05 -16.79
N HIS A 237 -4.29 9.12 -17.54
CA HIS A 237 -3.35 10.17 -17.13
C HIS A 237 -4.02 11.44 -16.56
N LEU A 238 -5.34 11.41 -16.39
CA LEU A 238 -6.10 12.61 -16.02
C LEU A 238 -6.61 12.64 -14.58
N LEU A 239 -6.17 11.67 -13.77
CA LEU A 239 -6.74 11.49 -12.43
C LEU A 239 -5.91 12.05 -11.28
N GLY A 240 -4.87 12.84 -11.58
CA GLY A 240 -4.06 13.51 -10.56
C GLY A 240 -2.94 12.70 -9.94
N ASN A 241 -2.79 11.46 -10.43
CA ASN A 241 -1.82 10.52 -9.87
C ASN A 241 -1.20 9.69 -11.00
N MET A 242 0.09 9.40 -10.87
CA MET A 242 0.85 8.66 -11.89
C MET A 242 0.19 7.34 -12.33
N TRP A 243 -0.46 6.66 -11.39
CA TRP A 243 -1.03 5.33 -11.66
C TRP A 243 -2.56 5.34 -11.61
N ALA A 244 -3.12 6.53 -11.40
CA ALA A 244 -4.56 6.73 -11.23
C ALA A 244 -5.15 5.77 -10.18
N GLN A 245 -4.41 5.59 -9.09
CA GLN A 245 -4.82 4.73 -7.99
C GLN A 245 -5.70 5.49 -7.00
N THR A 246 -5.36 6.76 -6.78
CA THR A 246 -6.15 7.70 -5.99
C THR A 246 -6.39 8.96 -6.80
N TRP A 247 -7.57 9.56 -6.68
CA TRP A 247 -7.98 10.67 -7.54
C TRP A 247 -8.19 12.01 -6.84
N SER A 248 -7.72 12.13 -5.59
CA SER A 248 -8.02 13.32 -4.77
C SER A 248 -7.47 14.65 -5.31
N ASN A 249 -6.47 14.58 -6.19
CA ASN A 249 -5.83 15.79 -6.72
C ASN A 249 -6.62 16.52 -7.80
N ILE A 250 -7.60 15.86 -8.40
CA ILE A 250 -8.51 16.52 -9.33
C ILE A 250 -9.80 16.99 -8.63
N TYR A 251 -9.69 17.29 -7.34
CA TYR A 251 -10.83 17.76 -6.55
C TYR A 251 -11.41 19.06 -7.10
N ASP A 252 -10.52 19.98 -7.51
CA ASP A 252 -10.93 21.24 -8.14
C ASP A 252 -11.80 21.03 -9.38
N LEU A 253 -11.56 19.94 -10.10
CA LEU A 253 -12.31 19.60 -11.31
C LEU A 253 -13.65 18.92 -11.01
N VAL A 254 -13.76 18.28 -9.86
CA VAL A 254 -14.94 17.45 -9.54
C VAL A 254 -15.84 17.98 -8.42
N VAL A 255 -15.39 19.02 -7.71
CA VAL A 255 -16.12 19.54 -6.54
C VAL A 255 -17.64 19.72 -6.78
N PRO A 256 -18.47 18.96 -6.05
CA PRO A 256 -19.93 18.94 -6.20
C PRO A 256 -20.56 20.31 -5.97
N PHE A 257 -20.18 20.95 -4.87
CA PHE A 257 -20.61 22.32 -4.60
C PHE A 257 -19.39 23.23 -4.51
N PRO A 258 -18.99 23.84 -5.65
CA PRO A 258 -17.93 24.86 -5.61
C PRO A 258 -18.43 26.10 -4.86
N SER A 259 -19.76 26.24 -4.82
CA SER A 259 -20.47 27.21 -3.98
C SER A 259 -19.98 27.18 -2.52
N ALA A 260 -19.72 25.98 -2.02
CA ALA A 260 -19.09 25.78 -0.71
C ALA A 260 -17.62 25.43 -0.90
N PRO A 261 -16.73 26.45 -0.87
CA PRO A 261 -15.32 26.22 -1.14
C PRO A 261 -14.53 25.85 0.12
N SER A 262 -13.44 25.10 -0.05
CA SER A 262 -12.59 24.69 1.06
C SER A 262 -11.16 25.20 0.91
N MET A 263 -10.49 25.39 2.05
CA MET A 263 -9.13 25.95 2.09
C MET A 263 -8.12 25.19 1.25
N ASP A 264 -7.14 25.91 0.71
CA ASP A 264 -5.96 25.28 0.14
C ASP A 264 -5.12 24.79 1.29
N THR A 265 -5.18 23.49 1.53
CA THR A 265 -4.56 22.87 2.69
C THR A 265 -3.04 22.74 2.59
N THR A 266 -2.53 22.74 1.36
CA THR A 266 -1.09 22.69 1.10
C THR A 266 -0.41 24.01 1.50
N GLU A 267 -0.95 25.12 1.00
CA GLU A 267 -0.43 26.45 1.33
C GLU A 267 -0.67 26.84 2.79
N ALA A 268 -1.73 26.29 3.38
CA ALA A 268 -1.99 26.46 4.80
C ALA A 268 -0.89 25.81 5.64
N MET A 269 -0.41 24.65 5.20
CA MET A 269 0.66 23.93 5.88
C MET A 269 2.01 24.62 5.73
N LEU A 270 2.34 25.01 4.51
CA LEU A 270 3.60 25.69 4.22
C LEU A 270 3.70 27.04 4.94
N LYS A 271 2.59 27.78 4.99
CA LYS A 271 2.55 29.10 5.61
C LYS A 271 2.68 29.06 7.13
N GLN A 272 1.94 28.15 7.76
CA GLN A 272 1.95 28.02 9.22
C GLN A 272 3.22 27.36 9.76
N GLY A 273 4.12 26.99 8.85
CA GLY A 273 5.40 26.41 9.22
C GLY A 273 5.30 24.95 9.62
N TRP A 274 4.82 24.14 8.69
CA TRP A 274 4.77 22.69 8.89
C TRP A 274 6.02 22.04 8.30
N THR A 275 6.87 21.51 9.18
CA THR A 275 8.04 20.74 8.77
C THR A 275 7.66 19.26 8.69
N PRO A 276 8.30 18.50 7.76
CA PRO A 276 8.10 17.04 7.72
C PRO A 276 8.29 16.40 9.09
N ARG A 277 9.06 17.04 9.96
CA ARG A 277 9.27 16.58 11.32
C ARG A 277 8.03 16.79 12.20
N ARG A 278 7.37 17.94 12.04
CA ARG A 278 6.16 18.25 12.79
C ARG A 278 4.99 17.37 12.33
N MET A 279 5.01 16.98 11.06
CA MET A 279 4.00 16.09 10.49
C MET A 279 4.00 14.71 11.16
N PHE A 280 5.19 14.21 11.49
CA PHE A 280 5.32 12.96 12.24
C PHE A 280 5.06 13.15 13.73
N LYS A 281 5.47 14.31 14.26
CA LYS A 281 5.23 14.67 15.66
C LYS A 281 3.74 14.68 15.99
N GLU A 282 2.93 15.26 15.09
CA GLU A 282 1.48 15.30 15.28
C GLU A 282 0.85 13.92 15.15
N ALA A 283 1.39 13.10 14.25
CA ALA A 283 0.97 11.71 14.09
C ALA A 283 1.32 10.88 15.33
N ASP A 284 2.43 11.23 15.99
CA ASP A 284 2.83 10.60 17.25
C ASP A 284 1.85 10.95 18.38
N ASP A 285 1.35 12.19 18.36
CA ASP A 285 0.41 12.69 19.36
C ASP A 285 -0.92 11.95 19.33
N PHE A 286 -1.43 11.71 18.11
CA PHE A 286 -2.70 11.01 17.91
C PHE A 286 -2.66 9.61 18.52
N PHE A 287 -1.54 8.91 18.34
CA PHE A 287 -1.35 7.58 18.91
C PHE A 287 -1.36 7.58 20.44
N THR A 288 -0.62 8.51 21.05
CA THR A 288 -0.53 8.62 22.50
C THR A 288 -1.84 9.04 23.14
N SER A 289 -2.62 9.86 22.43
CA SER A 289 -3.92 10.31 22.90
C SER A 289 -4.89 9.14 23.07
N LEU A 290 -4.67 8.10 22.26
CA LEU A 290 -5.45 6.85 22.37
C LEU A 290 -4.91 5.93 23.46
N GLY A 291 -3.86 6.36 24.15
CA GLY A 291 -3.22 5.55 25.18
C GLY A 291 -2.14 4.62 24.65
N LEU A 292 -2.02 4.58 23.32
CA LEU A 292 -1.02 3.75 22.65
C LEU A 292 0.40 4.29 22.83
N LEU A 293 1.39 3.48 22.46
CA LEU A 293 2.79 3.76 22.75
C LEU A 293 3.38 4.89 21.91
N PRO A 294 4.21 5.75 22.55
CA PRO A 294 4.97 6.77 21.80
C PRO A 294 6.20 6.15 21.13
N VAL A 295 6.72 6.81 20.11
CA VAL A 295 7.97 6.38 19.48
C VAL A 295 9.16 6.68 20.40
N PRO A 296 10.14 5.76 20.49
CA PRO A 296 11.32 5.96 21.32
C PRO A 296 12.14 7.18 20.89
N PRO A 297 13.00 7.71 21.77
CA PRO A 297 13.88 8.81 21.39
C PRO A 297 14.80 8.43 20.23
N GLU A 298 15.13 7.14 20.14
CA GLU A 298 16.00 6.59 19.11
C GLU A 298 15.39 6.72 17.70
N PHE A 299 14.06 6.71 17.62
CA PHE A 299 13.33 6.89 16.38
C PHE A 299 13.64 8.22 15.71
N TRP A 300 13.68 9.28 16.53
CA TRP A 300 13.88 10.65 16.02
C TRP A 300 15.32 10.89 15.56
N ASN A 301 16.27 10.20 16.19
CA ASN A 301 17.68 10.36 15.88
C ASN A 301 18.12 9.66 14.59
N LYS A 302 17.49 8.54 14.27
CA LYS A 302 17.98 7.65 13.21
C LYS A 302 17.05 7.49 12.01
N SER A 303 15.90 8.16 12.04
CA SER A 303 14.95 8.08 10.92
C SER A 303 15.22 9.14 9.85
N MET A 304 15.00 8.75 8.60
CA MET A 304 15.10 9.66 7.46
C MET A 304 13.70 10.15 7.10
N LEU A 305 13.32 11.27 7.70
CA LEU A 305 11.96 11.82 7.55
C LEU A 305 11.85 12.81 6.40
N GLU A 306 12.96 13.03 5.70
CA GLU A 306 13.03 13.99 4.60
C GLU A 306 14.11 13.61 3.58
N LYS A 307 13.83 13.86 2.31
CA LYS A 307 14.77 13.63 1.22
C LYS A 307 16.06 14.44 1.42
N PRO A 308 17.23 13.77 1.40
CA PRO A 308 18.51 14.43 1.64
C PRO A 308 18.96 15.30 0.46
N THR A 309 19.88 16.22 0.73
CA THR A 309 20.45 17.09 -0.31
C THR A 309 21.93 16.78 -0.57
N ASP A 310 22.31 15.52 -0.31
CA ASP A 310 23.68 15.05 -0.52
C ASP A 310 24.02 14.89 -2.00
N GLY A 311 23.02 14.56 -2.80
CA GLY A 311 23.21 14.18 -4.19
C GLY A 311 23.23 12.68 -4.35
N ARG A 312 23.12 11.97 -3.21
CA ARG A 312 23.03 10.52 -3.19
C ARG A 312 21.63 10.04 -3.59
N GLU A 313 21.58 8.88 -4.23
CA GLU A 313 20.32 8.27 -4.63
C GLU A 313 19.67 7.54 -3.45
N VAL A 314 18.35 7.62 -3.36
CA VAL A 314 17.59 6.96 -2.29
C VAL A 314 16.33 6.27 -2.83
N VAL A 315 15.84 5.29 -2.09
CA VAL A 315 14.53 4.70 -2.34
C VAL A 315 13.50 5.60 -1.65
N CYS A 316 12.74 6.35 -2.45
CA CYS A 316 11.84 7.37 -1.92
C CYS A 316 10.54 6.83 -1.33
N HIS A 317 10.03 5.73 -1.87
CA HIS A 317 8.77 5.17 -1.41
C HIS A 317 8.76 5.00 0.11
N ALA A 318 7.71 5.50 0.74
CA ALA A 318 7.57 5.47 2.19
C ALA A 318 7.55 4.05 2.73
N SER A 319 8.36 3.80 3.76
CA SER A 319 8.42 2.49 4.42
C SER A 319 8.81 2.64 5.89
N ALA A 320 8.35 1.69 6.69
CA ALA A 320 8.69 1.64 8.11
C ALA A 320 9.59 0.43 8.40
N TRP A 321 10.48 0.60 9.37
CA TRP A 321 11.56 -0.35 9.58
C TRP A 321 11.62 -0.89 11.00
N ASP A 322 11.54 -2.22 11.10
CA ASP A 322 11.68 -2.93 12.37
C ASP A 322 13.01 -3.66 12.37
N PHE A 323 13.84 -3.39 13.38
CA PHE A 323 15.17 -3.95 13.47
C PHE A 323 15.24 -5.22 14.31
N TYR A 324 14.07 -5.70 14.72
CA TYR A 324 13.94 -6.93 15.52
C TYR A 324 14.77 -6.89 16.80
N ASN A 325 14.76 -5.72 17.42
CA ASN A 325 15.57 -5.39 18.59
C ASN A 325 14.67 -5.09 19.79
N GLY A 326 13.50 -4.52 19.50
CA GLY A 326 12.59 -4.04 20.54
C GLY A 326 12.92 -2.63 20.97
N LYS A 327 13.94 -2.03 20.35
CA LYS A 327 14.40 -0.69 20.70
C LYS A 327 14.49 0.21 19.46
N ASP A 328 14.91 -0.37 18.34
CA ASP A 328 15.18 0.38 17.11
C ASP A 328 14.03 0.28 16.09
N PHE A 329 13.35 1.40 15.89
CA PHE A 329 12.28 1.51 14.90
C PHE A 329 12.47 2.79 14.10
N ARG A 330 12.38 2.68 12.76
CA ARG A 330 12.66 3.81 11.88
C ARG A 330 11.63 3.97 10.76
N ILE A 331 11.53 5.18 10.23
CA ILE A 331 10.73 5.47 9.03
C ILE A 331 11.61 6.08 7.95
N LYS A 332 11.47 5.58 6.72
CA LYS A 332 12.15 6.13 5.56
C LYS A 332 11.13 6.70 4.58
N GLN A 333 11.14 8.02 4.41
CA GLN A 333 10.17 8.71 3.55
C GLN A 333 10.71 10.03 2.98
N CYS A 334 10.49 10.24 1.68
CA CYS A 334 10.77 11.52 1.03
C CYS A 334 9.55 12.42 1.19
N THR A 335 9.41 13.00 2.38
CA THR A 335 8.19 13.72 2.78
C THR A 335 8.08 15.12 2.16
N THR A 336 6.96 15.35 1.47
CA THR A 336 6.58 16.67 0.97
C THR A 336 5.56 17.26 1.94
N VAL A 337 5.62 18.57 2.14
CA VAL A 337 4.69 19.24 3.05
C VAL A 337 3.34 19.49 2.37
N ASN A 338 2.44 18.52 2.50
CA ASN A 338 1.07 18.61 2.02
C ASN A 338 0.16 17.64 2.79
N LEU A 339 -1.15 17.75 2.56
CA LEU A 339 -2.11 16.90 3.25
C LEU A 339 -1.91 15.43 2.90
N GLU A 340 -1.60 15.15 1.64
CA GLU A 340 -1.42 13.79 1.15
C GLU A 340 -0.30 13.03 1.86
N ASP A 341 0.79 13.72 2.18
CA ASP A 341 1.91 13.13 2.91
C ASP A 341 1.70 13.08 4.43
N LEU A 342 0.77 13.88 4.94
CA LEU A 342 0.39 13.80 6.35
C LEU A 342 -0.34 12.48 6.61
N VAL A 343 -1.22 12.12 5.68
CA VAL A 343 -1.95 10.85 5.71
C VAL A 343 -0.96 9.67 5.64
N VAL A 344 0.00 9.76 4.71
CA VAL A 344 1.03 8.73 4.55
C VAL A 344 1.94 8.67 5.79
N ALA A 345 2.18 9.81 6.43
CA ALA A 345 2.95 9.85 7.67
C ALA A 345 2.25 9.08 8.79
N HIS A 346 0.92 9.20 8.86
CA HIS A 346 0.12 8.43 9.81
C HIS A 346 0.14 6.94 9.50
N HIS A 347 0.07 6.61 8.21
CA HIS A 347 0.15 5.23 7.73
C HIS A 347 1.43 4.56 8.21
N GLU A 348 2.56 5.22 8.00
CA GLU A 348 3.86 4.70 8.38
C GLU A 348 4.04 4.62 9.90
N MET A 349 3.42 5.54 10.62
CA MET A 349 3.45 5.52 12.08
C MET A 349 2.62 4.36 12.63
N GLY A 350 1.60 3.97 11.88
CA GLY A 350 0.80 2.78 12.17
C GLY A 350 1.64 1.52 12.16
N HIS A 351 2.54 1.40 11.17
CA HIS A 351 3.49 0.29 11.12
C HIS A 351 4.36 0.25 12.38
N ILE A 352 4.89 1.41 12.75
CA ILE A 352 5.75 1.54 13.93
C ILE A 352 5.03 1.13 15.21
N GLN A 353 3.78 1.57 15.36
CA GLN A 353 2.96 1.19 16.50
C GLN A 353 2.78 -0.32 16.58
N TYR A 354 2.54 -0.94 15.43
CA TYR A 354 2.38 -2.39 15.33
C TYR A 354 3.65 -3.11 15.77
N PHE A 355 4.81 -2.54 15.38
CA PHE A 355 6.12 -3.07 15.79
C PHE A 355 6.30 -3.02 17.29
N MET A 356 5.90 -1.91 17.90
CA MET A 356 6.10 -1.69 19.34
C MET A 356 5.15 -2.52 20.20
N GLN A 357 3.97 -2.83 19.65
CA GLN A 357 2.96 -3.59 20.37
C GLN A 357 3.27 -5.09 20.46
N TYR A 358 3.93 -5.64 19.44
CA TYR A 358 4.24 -7.07 19.44
C TYR A 358 5.72 -7.42 19.62
N LYS A 359 6.52 -6.46 20.05
CA LYS A 359 7.96 -6.66 20.23
C LYS A 359 8.30 -7.71 21.31
N ASP A 360 7.33 -8.02 22.16
CA ASP A 360 7.51 -9.03 23.20
C ASP A 360 7.32 -10.46 22.68
N LEU A 361 6.71 -10.59 21.51
CA LEU A 361 6.53 -11.89 20.87
C LEU A 361 7.82 -12.40 20.22
N PRO A 362 7.91 -13.72 19.98
CA PRO A 362 9.02 -14.25 19.17
C PRO A 362 9.04 -13.64 17.76
N VAL A 363 10.23 -13.43 17.21
CA VAL A 363 10.39 -12.77 15.90
C VAL A 363 9.59 -13.40 14.76
N ALA A 364 9.43 -14.73 14.80
CA ALA A 364 8.66 -15.45 13.79
C ALA A 364 7.19 -15.04 13.81
N LEU A 365 6.75 -14.50 14.95
CA LEU A 365 5.37 -14.07 15.14
C LEU A 365 5.24 -12.54 15.15
N ARG A 366 6.37 -11.85 15.01
CA ARG A 366 6.39 -10.39 14.94
C ARG A 366 5.95 -9.90 13.56
N ARG A 367 4.63 -9.93 13.36
CA ARG A 367 4.01 -9.71 12.06
C ARG A 367 2.57 -9.29 12.32
N GLY A 368 1.90 -8.75 11.32
CA GLY A 368 0.49 -8.39 11.47
C GLY A 368 -0.38 -9.64 11.51
N ALA A 369 -1.63 -9.49 11.93
CA ALA A 369 -2.60 -10.59 11.89
C ALA A 369 -2.64 -11.16 10.47
N ASN A 370 -2.77 -10.25 9.50
CA ASN A 370 -2.40 -10.50 8.11
C ASN A 370 -1.75 -9.23 7.57
N PRO A 371 -1.11 -9.29 6.38
CA PRO A 371 -0.50 -8.07 5.85
C PRO A 371 -1.45 -6.88 5.78
N GLY A 372 -2.73 -7.15 5.49
CA GLY A 372 -3.76 -6.12 5.44
C GLY A 372 -3.97 -5.39 6.75
N PHE A 373 -3.91 -6.13 7.86
CA PHE A 373 -4.00 -5.54 9.20
C PHE A 373 -2.89 -4.51 9.47
N HIS A 374 -1.68 -4.81 8.96
CA HIS A 374 -0.50 -3.98 9.20
C HIS A 374 -0.62 -2.63 8.48
N GLU A 375 -1.26 -2.65 7.32
CA GLU A 375 -1.43 -1.45 6.50
C GLU A 375 -2.57 -0.58 7.02
N ALA A 376 -3.53 -1.20 7.68
CA ALA A 376 -4.77 -0.54 8.09
C ALA A 376 -4.66 0.33 9.34
N ILE A 377 -3.72 0.00 10.23
CA ILE A 377 -3.63 0.67 11.54
C ILE A 377 -3.49 2.19 11.43
N GLY A 378 -2.53 2.64 10.62
CA GLY A 378 -2.29 4.06 10.43
C GLY A 378 -3.44 4.75 9.71
N ASP A 379 -3.98 4.07 8.71
CA ASP A 379 -5.07 4.60 7.91
C ASP A 379 -6.34 4.86 8.71
N VAL A 380 -6.56 4.04 9.74
CA VAL A 380 -7.71 4.21 10.65
C VAL A 380 -7.64 5.56 11.35
N LEU A 381 -6.50 5.83 11.98
CA LEU A 381 -6.27 7.11 12.65
C LEU A 381 -6.35 8.28 11.67
N ALA A 382 -5.82 8.08 10.47
CA ALA A 382 -5.84 9.10 9.42
C ALA A 382 -7.26 9.50 8.99
N LEU A 383 -8.20 8.56 9.08
CA LEU A 383 -9.61 8.83 8.78
C LEU A 383 -10.15 9.89 9.74
N SER A 384 -9.78 9.78 11.01
CA SER A 384 -10.14 10.77 12.01
C SER A 384 -9.41 12.09 11.79
N VAL A 385 -8.12 12.01 11.48
CA VAL A 385 -7.30 13.19 11.14
C VAL A 385 -7.89 13.97 9.97
N SER A 386 -8.40 13.23 8.99
CA SER A 386 -8.92 13.80 7.74
C SER A 386 -10.27 14.52 7.86
N THR A 387 -10.94 14.37 9.00
CA THR A 387 -12.23 15.03 9.24
C THR A 387 -12.07 16.55 9.30
N PRO A 388 -13.04 17.29 8.74
CA PRO A 388 -13.05 18.76 8.76
C PRO A 388 -12.89 19.33 10.17
N LYS A 389 -13.45 18.64 11.18
CA LYS A 389 -13.37 19.09 12.56
C LYS A 389 -11.96 18.96 13.12
N HIS A 390 -11.25 17.89 12.74
CA HIS A 390 -9.88 17.71 13.17
C HIS A 390 -8.92 18.59 12.37
N LEU A 391 -9.21 18.74 11.07
CA LEU A 391 -8.39 19.58 10.19
C LEU A 391 -8.54 21.07 10.51
N HIS A 392 -9.75 21.50 10.88
CA HIS A 392 -9.99 22.87 11.32
C HIS A 392 -9.28 23.17 12.63
N SER A 393 -9.23 22.18 13.51
CA SER A 393 -8.55 22.30 14.80
C SER A 393 -7.02 22.24 14.63
N LEU A 394 -6.58 21.96 13.42
CA LEU A 394 -5.17 22.05 13.03
C LEU A 394 -4.94 23.29 12.17
N ASN A 395 -6.00 24.09 12.04
CA ASN A 395 -6.01 25.31 11.22
C ASN A 395 -5.67 25.08 9.74
N LEU A 396 -6.10 23.93 9.22
CA LEU A 396 -5.88 23.58 7.82
C LEU A 396 -7.17 23.67 6.99
N LEU A 397 -8.30 23.84 7.69
CA LEU A 397 -9.58 24.15 7.06
C LEU A 397 -10.31 25.18 7.92
N SER A 398 -11.41 25.71 7.40
CA SER A 398 -12.21 26.71 8.12
C SER A 398 -13.70 26.41 8.04
N SER A 403 -24.11 23.17 6.39
CA SER A 403 -23.01 22.21 6.39
C SER A 403 -23.20 21.12 5.34
N ASP A 404 -24.44 20.96 4.86
CA ASP A 404 -24.81 19.90 3.91
C ASP A 404 -24.01 19.92 2.61
N GLU A 405 -23.64 21.11 2.15
CA GLU A 405 -22.82 21.26 0.95
C GLU A 405 -21.36 20.93 1.22
N HIS A 406 -20.87 21.30 2.41
CA HIS A 406 -19.51 20.95 2.83
C HIS A 406 -19.40 19.47 3.17
N ASP A 407 -20.53 18.86 3.51
CA ASP A 407 -20.60 17.45 3.86
C ASP A 407 -20.39 16.55 2.63
N ILE A 408 -21.10 16.86 1.55
CA ILE A 408 -20.99 16.12 0.30
C ILE A 408 -19.62 16.34 -0.34
N ASN A 409 -19.08 17.55 -0.21
CA ASN A 409 -17.74 17.88 -0.67
C ASN A 409 -16.66 17.04 0.02
N PHE A 410 -16.75 16.92 1.34
CA PHE A 410 -15.80 16.12 2.12
C PHE A 410 -15.88 14.65 1.74
N LEU A 411 -17.11 14.13 1.66
CA LEU A 411 -17.36 12.75 1.25
C LEU A 411 -16.83 12.47 -0.16
N MET A 412 -16.95 13.46 -1.04
CA MET A 412 -16.41 13.37 -2.40
C MET A 412 -14.87 13.34 -2.37
N LYS A 413 -14.29 14.19 -1.54
CA LYS A 413 -12.84 14.20 -1.35
C LYS A 413 -12.34 12.82 -0.89
N MET A 414 -12.99 12.26 0.13
CA MET A 414 -12.61 10.96 0.67
C MET A 414 -12.83 9.83 -0.33
N ALA A 415 -13.89 9.95 -1.13
CA ALA A 415 -14.21 8.95 -2.14
C ALA A 415 -13.14 8.87 -3.22
N LEU A 416 -12.61 10.02 -3.60
CA LEU A 416 -11.60 10.09 -4.65
C LEU A 416 -10.34 9.29 -4.29
N ASP A 417 -10.04 9.22 -3.00
CA ASP A 417 -8.93 8.37 -2.52
C ASP A 417 -9.40 6.95 -2.23
N LYS A 418 -10.36 6.84 -1.32
CA LYS A 418 -10.74 5.55 -0.74
C LYS A 418 -11.48 4.63 -1.72
N ILE A 419 -12.41 5.20 -2.49
CA ILE A 419 -13.20 4.41 -3.44
C ILE A 419 -12.40 4.10 -4.71
N ALA A 420 -11.71 5.10 -5.25
CA ALA A 420 -10.96 4.95 -6.50
C ALA A 420 -9.83 3.92 -6.39
N PHE A 421 -9.35 3.69 -5.18
CA PHE A 421 -8.25 2.79 -4.91
C PHE A 421 -8.69 1.32 -4.84
N ILE A 422 -9.97 1.09 -4.56
CA ILE A 422 -10.50 -0.27 -4.46
C ILE A 422 -10.27 -1.10 -5.73
N PRO A 423 -10.62 -0.56 -6.92
CA PRO A 423 -10.35 -1.34 -8.14
C PRO A 423 -8.88 -1.46 -8.52
N PHE A 424 -8.08 -0.43 -8.26
CA PHE A 424 -6.65 -0.49 -8.57
C PHE A 424 -5.91 -1.47 -7.66
N SER A 425 -6.20 -1.41 -6.36
CA SER A 425 -5.56 -2.29 -5.38
C SER A 425 -5.96 -3.75 -5.57
N TYR A 426 -7.14 -3.97 -6.14
CA TYR A 426 -7.59 -5.32 -6.49
C TYR A 426 -6.84 -5.80 -7.73
N LEU A 427 -6.78 -4.91 -8.73
CA LEU A 427 -6.16 -5.15 -10.03
C LEU A 427 -4.73 -5.71 -9.97
N VAL A 428 -3.86 -5.06 -9.20
CA VAL A 428 -2.42 -5.31 -9.25
C VAL A 428 -2.05 -6.79 -9.08
N ASP A 429 -2.52 -7.43 -8.01
CA ASP A 429 -2.20 -8.84 -7.79
C ASP A 429 -3.06 -9.79 -8.64
N GLN A 430 -4.20 -9.32 -9.15
CA GLN A 430 -4.95 -10.09 -10.13
C GLN A 430 -4.08 -10.33 -11.37
N TRP A 431 -3.24 -9.35 -11.69
CA TRP A 431 -2.30 -9.43 -12.80
C TRP A 431 -1.12 -10.34 -12.44
N ARG A 432 -0.51 -10.08 -11.28
CA ARG A 432 0.64 -10.84 -10.80
C ARG A 432 0.38 -12.33 -10.60
N TRP A 433 -0.74 -12.68 -9.98
CA TRP A 433 -1.07 -14.09 -9.74
C TRP A 433 -1.17 -14.85 -11.04
N ARG A 434 -1.75 -14.20 -12.05
CA ARG A 434 -1.86 -14.78 -13.38
C ARG A 434 -0.52 -14.81 -14.10
N VAL A 435 0.37 -13.89 -13.73
CA VAL A 435 1.75 -13.90 -14.21
C VAL A 435 2.52 -15.07 -13.59
N PHE A 436 2.35 -15.26 -12.28
CA PHE A 436 3.03 -16.32 -11.55
C PHE A 436 2.57 -17.73 -11.92
N ASP A 437 1.28 -17.89 -12.19
CA ASP A 437 0.73 -19.21 -12.49
C ASP A 437 0.85 -19.61 -13.97
N GLY A 438 1.19 -18.65 -14.83
CA GLY A 438 1.45 -18.94 -16.24
C GLY A 438 0.38 -18.48 -17.21
N SER A 439 -0.70 -17.91 -16.68
CA SER A 439 -1.80 -17.38 -17.50
C SER A 439 -1.35 -16.20 -18.35
N ILE A 440 -0.39 -15.42 -17.82
CA ILE A 440 0.17 -14.28 -18.53
C ILE A 440 1.67 -14.49 -18.75
N THR A 441 2.09 -14.54 -20.01
CA THR A 441 3.51 -14.71 -20.35
C THR A 441 4.15 -13.36 -20.66
N LYS A 442 5.45 -13.37 -20.95
CA LYS A 442 6.19 -12.12 -21.17
C LYS A 442 5.80 -11.36 -22.43
N GLU A 443 5.07 -12.04 -23.33
CA GLU A 443 4.56 -11.42 -24.55
C GLU A 443 3.13 -10.90 -24.35
N ASN A 444 2.61 -11.07 -23.14
CA ASN A 444 1.26 -10.65 -22.79
C ASN A 444 1.21 -9.70 -21.58
N TYR A 445 2.37 -9.46 -20.97
CA TYR A 445 2.46 -8.63 -19.77
C TYR A 445 1.60 -7.38 -19.85
N ASN A 446 1.88 -6.55 -20.86
CA ASN A 446 1.29 -5.22 -20.96
C ASN A 446 -0.15 -5.24 -21.46
N GLN A 447 -0.45 -6.15 -22.38
CA GLN A 447 -1.80 -6.29 -22.93
C GLN A 447 -2.80 -6.70 -21.86
N GLU A 448 -2.43 -7.73 -21.08
CA GLU A 448 -3.28 -8.23 -20.00
C GLU A 448 -3.35 -7.26 -18.82
N TRP A 449 -2.36 -6.39 -18.70
CA TRP A 449 -2.38 -5.33 -17.68
C TRP A 449 -3.48 -4.32 -18.00
N TRP A 450 -3.57 -3.91 -19.25
CA TRP A 450 -4.59 -2.95 -19.67
C TRP A 450 -5.99 -3.56 -19.81
N SER A 451 -6.07 -4.86 -20.05
CA SER A 451 -7.34 -5.58 -20.01
C SER A 451 -7.97 -5.48 -18.62
N LEU A 452 -7.11 -5.54 -17.59
CA LEU A 452 -7.55 -5.44 -16.21
C LEU A 452 -7.78 -3.99 -15.79
N ARG A 453 -6.96 -3.09 -16.31
CA ARG A 453 -7.16 -1.65 -16.13
C ARG A 453 -8.53 -1.24 -16.66
N LEU A 454 -8.90 -1.79 -17.81
CA LEU A 454 -10.21 -1.56 -18.41
C LEU A 454 -11.33 -2.24 -17.64
N LYS A 455 -11.12 -3.52 -17.31
CA LYS A 455 -12.17 -4.34 -16.70
C LYS A 455 -12.58 -3.86 -15.30
N TYR A 456 -11.58 -3.55 -14.48
CA TYR A 456 -11.80 -3.20 -13.07
C TYR A 456 -11.89 -1.70 -12.80
N GLN A 457 -10.93 -0.94 -13.32
CA GLN A 457 -10.86 0.50 -13.08
C GLN A 457 -11.64 1.33 -14.10
N GLY A 458 -11.84 0.77 -15.29
CA GLY A 458 -12.46 1.51 -16.39
C GLY A 458 -11.55 2.58 -16.94
N LEU A 459 -10.26 2.27 -17.01
CA LEU A 459 -9.27 3.19 -17.56
C LEU A 459 -8.72 2.65 -18.87
N CYS A 460 -8.34 3.56 -19.75
CA CYS A 460 -7.64 3.23 -20.98
C CYS A 460 -6.34 4.02 -21.03
N PRO A 461 -5.33 3.51 -21.76
CA PRO A 461 -4.12 4.31 -21.88
C PRO A 461 -4.36 5.50 -22.79
N PRO A 462 -3.74 6.65 -22.49
CA PRO A 462 -3.91 7.83 -23.33
C PRO A 462 -3.22 7.65 -24.69
N VAL A 463 -2.15 6.87 -24.70
CA VAL A 463 -1.38 6.58 -25.90
C VAL A 463 -1.38 5.06 -26.11
N PRO A 464 -1.57 4.60 -27.36
CA PRO A 464 -1.52 3.16 -27.66
C PRO A 464 -0.21 2.53 -27.22
N ARG A 465 -0.27 1.33 -26.63
CA ARG A 465 0.91 0.65 -26.12
C ARG A 465 1.63 -0.09 -27.25
N THR A 466 2.96 0.00 -27.23
CA THR A 466 3.80 -0.63 -28.24
C THR A 466 4.61 -1.79 -27.64
N GLN A 467 5.23 -2.58 -28.51
CA GLN A 467 6.16 -3.63 -28.09
C GLN A 467 7.30 -3.00 -27.30
N GLY A 468 7.73 -3.69 -26.24
CA GLY A 468 8.76 -3.16 -25.36
C GLY A 468 8.20 -2.40 -24.17
N ASP A 469 6.89 -2.17 -24.16
CA ASP A 469 6.24 -1.51 -23.04
C ASP A 469 5.97 -2.50 -21.91
N PHE A 470 6.27 -2.06 -20.69
CA PHE A 470 6.03 -2.83 -19.48
C PHE A 470 5.60 -1.84 -18.41
N ASP A 471 4.37 -1.35 -18.55
CA ASP A 471 3.81 -0.34 -17.66
C ASP A 471 3.74 -0.76 -16.18
N PRO A 472 3.48 -2.06 -15.89
CA PRO A 472 3.53 -2.50 -14.49
C PRO A 472 4.86 -2.18 -13.81
N GLY A 473 5.95 -2.22 -14.57
CA GLY A 473 7.28 -1.89 -14.06
C GLY A 473 7.46 -0.46 -13.60
N ALA A 474 6.52 0.41 -13.99
CA ALA A 474 6.55 1.82 -13.57
C ALA A 474 5.84 2.06 -12.23
N LYS A 475 5.37 0.98 -11.61
CA LYS A 475 4.78 1.02 -10.28
C LYS A 475 5.73 0.37 -9.28
N PHE A 476 6.02 1.09 -8.18
CA PHE A 476 7.04 0.68 -7.20
C PHE A 476 7.02 -0.80 -6.81
N HIS A 477 5.83 -1.28 -6.46
CA HIS A 477 5.68 -2.58 -5.82
C HIS A 477 6.05 -3.76 -6.73
N ILE A 478 5.96 -3.54 -8.04
CA ILE A 478 6.26 -4.58 -9.03
C ILE A 478 7.76 -4.94 -9.09
N PRO A 479 8.64 -3.99 -9.44
CA PRO A 479 10.08 -4.33 -9.40
C PRO A 479 10.64 -4.53 -7.98
N SER A 480 9.98 -3.96 -6.98
CA SER A 480 10.41 -4.13 -5.58
C SER A 480 9.89 -5.42 -4.96
N SER A 481 9.09 -6.17 -5.71
CA SER A 481 8.55 -7.47 -5.29
C SER A 481 7.80 -7.40 -3.96
N VAL A 482 6.94 -6.40 -3.83
CA VAL A 482 6.11 -6.23 -2.64
C VAL A 482 4.65 -6.54 -3.00
N PRO A 483 4.06 -7.57 -2.38
CA PRO A 483 2.67 -7.95 -2.66
C PRO A 483 1.72 -6.77 -2.45
N TYR A 484 0.63 -6.72 -3.20
CA TYR A 484 -0.22 -5.53 -3.22
C TYR A 484 -1.61 -5.72 -2.63
N ILE A 485 -2.12 -6.96 -2.66
CA ILE A 485 -3.49 -7.24 -2.22
C ILE A 485 -3.74 -6.78 -0.77
N ARG A 486 -2.66 -6.60 -0.01
CA ARG A 486 -2.72 -6.06 1.35
C ARG A 486 -3.44 -4.72 1.43
N TYR A 487 -3.16 -3.82 0.49
CA TYR A 487 -3.76 -2.49 0.47
C TYR A 487 -5.25 -2.54 0.14
N PHE A 488 -5.65 -3.53 -0.65
CA PHE A 488 -7.06 -3.78 -0.94
C PHE A 488 -7.79 -4.23 0.32
N VAL A 489 -7.16 -5.14 1.07
CA VAL A 489 -7.69 -5.63 2.34
C VAL A 489 -7.73 -4.47 3.33
N SER A 490 -6.64 -3.71 3.38
CA SER A 490 -6.51 -2.55 4.28
C SER A 490 -7.65 -1.55 4.13
N PHE A 491 -7.93 -1.15 2.89
CA PHE A 491 -8.99 -0.17 2.61
C PHE A 491 -10.37 -0.66 3.01
N ILE A 492 -10.63 -1.96 2.82
CA ILE A 492 -11.89 -2.54 3.28
C ILE A 492 -11.98 -2.55 4.80
N ILE A 493 -10.96 -3.08 5.46
CA ILE A 493 -11.01 -3.33 6.91
C ILE A 493 -10.80 -2.09 7.78
N GLN A 494 -10.15 -1.07 7.24
CA GLN A 494 -9.91 0.16 8.00
C GLN A 494 -11.20 0.86 8.37
N PHE A 495 -12.20 0.75 7.49
CA PHE A 495 -13.53 1.30 7.73
C PHE A 495 -14.30 0.46 8.74
N GLN A 496 -14.06 -0.85 8.73
CA GLN A 496 -14.59 -1.75 9.76
C GLN A 496 -14.02 -1.37 11.13
N PHE A 497 -12.71 -1.10 11.17
CA PHE A 497 -12.05 -0.67 12.41
C PHE A 497 -12.59 0.68 12.85
N HIS A 498 -12.72 1.60 11.88
CA HIS A 498 -13.28 2.92 12.13
C HIS A 498 -14.68 2.82 12.77
N GLU A 499 -15.58 2.10 12.10
CA GLU A 499 -16.94 1.90 12.59
C GLU A 499 -16.96 1.38 14.03
N ALA A 500 -16.19 0.32 14.29
CA ALA A 500 -16.14 -0.33 15.60
C ALA A 500 -15.52 0.56 16.69
N LEU A 501 -14.50 1.33 16.32
CA LEU A 501 -13.82 2.20 17.28
C LEU A 501 -14.65 3.44 17.60
N CYS A 502 -15.46 3.86 16.64
CA CYS A 502 -16.38 4.98 16.84
C CYS A 502 -17.55 4.61 17.74
N GLN A 503 -18.07 3.40 17.60
CA GLN A 503 -19.14 2.91 18.48
C GLN A 503 -18.61 2.67 19.90
N ALA A 504 -17.34 2.28 19.99
CA ALA A 504 -16.65 2.13 21.27
C ALA A 504 -16.38 3.51 21.89
N ALA A 505 -16.09 4.49 21.05
CA ALA A 505 -15.86 5.87 21.49
C ALA A 505 -17.15 6.57 21.90
N GLY A 506 -18.29 5.96 21.54
CA GLY A 506 -19.60 6.51 21.87
C GLY A 506 -20.10 7.56 20.89
N HIS A 507 -19.59 7.49 19.66
CA HIS A 507 -20.01 8.43 18.61
C HIS A 507 -21.37 8.02 18.05
N THR A 508 -22.31 8.95 18.17
CA THR A 508 -23.64 8.77 17.57
C THR A 508 -23.71 9.59 16.28
N GLY A 509 -24.63 9.20 15.40
CA GLY A 509 -24.84 9.92 14.14
C GLY A 509 -24.06 9.32 12.98
N PRO A 510 -23.93 10.08 11.88
CA PRO A 510 -23.27 9.58 10.67
C PRO A 510 -21.82 9.18 10.92
N LEU A 511 -21.42 8.04 10.37
CA LEU A 511 -20.09 7.47 10.60
C LEU A 511 -18.95 8.36 10.13
N HIS A 512 -19.16 9.09 9.02
CA HIS A 512 -18.10 9.91 8.42
C HIS A 512 -17.72 11.15 9.24
N LYS A 513 -18.53 11.50 10.22
CA LYS A 513 -18.25 12.66 11.08
C LYS A 513 -17.52 12.28 12.37
N CYS A 514 -17.10 11.02 12.47
CA CYS A 514 -16.45 10.50 13.67
C CYS A 514 -14.97 10.83 13.74
N ASP A 515 -14.55 11.23 14.94
CA ASP A 515 -13.15 11.50 15.24
C ASP A 515 -12.81 10.77 16.54
N ILE A 516 -12.01 9.70 16.43
CA ILE A 516 -11.70 8.85 17.59
C ILE A 516 -10.58 9.40 18.48
N TYR A 517 -10.15 10.64 18.22
CA TYR A 517 -9.06 11.27 18.96
C TYR A 517 -9.27 11.24 20.47
N GLN A 518 -8.22 10.82 21.18
CA GLN A 518 -8.19 10.76 22.65
C GLN A 518 -9.08 9.67 23.29
N SER A 519 -9.67 8.80 22.47
CA SER A 519 -10.50 7.71 22.98
C SER A 519 -9.65 6.53 23.46
N LYS A 520 -9.65 6.29 24.77
CA LYS A 520 -8.89 5.19 25.37
C LYS A 520 -9.54 3.85 25.06
N GLU A 521 -10.86 3.87 24.89
CA GLU A 521 -11.64 2.68 24.54
C GLU A 521 -11.28 2.20 23.13
N ALA A 522 -11.07 3.14 22.22
CA ALA A 522 -10.64 2.83 20.87
C ALA A 522 -9.19 2.34 20.85
N GLY A 523 -8.37 2.90 21.73
CA GLY A 523 -6.97 2.49 21.87
C GLY A 523 -6.83 1.09 22.43
N GLN A 524 -7.70 0.74 23.39
CA GLN A 524 -7.66 -0.56 24.04
C GLN A 524 -7.97 -1.70 23.08
N ARG A 525 -8.93 -1.49 22.19
CA ARG A 525 -9.29 -2.47 21.17
C ARG A 525 -8.16 -2.66 20.16
N LEU A 526 -7.49 -1.57 19.79
CA LEU A 526 -6.34 -1.62 18.90
C LEU A 526 -5.15 -2.32 19.54
N ALA A 527 -4.85 -1.96 20.79
CA ALA A 527 -3.72 -2.51 21.53
C ALA A 527 -3.75 -4.04 21.63
N THR A 528 -4.83 -4.58 22.18
CA THR A 528 -4.93 -6.03 22.42
C THR A 528 -4.91 -6.86 21.15
N ALA A 529 -5.41 -6.27 20.06
CA ALA A 529 -5.40 -6.93 18.74
C ALA A 529 -4.00 -6.98 18.15
N MET A 530 -3.27 -5.87 18.25
CA MET A 530 -1.91 -5.77 17.72
C MET A 530 -0.93 -6.65 18.51
N LYS A 531 -1.18 -6.79 19.81
CA LYS A 531 -0.35 -7.62 20.70
C LYS A 531 -0.32 -9.09 20.27
N LEU A 532 -1.40 -9.56 19.66
CA LEU A 532 -1.49 -10.92 19.14
C LEU A 532 -0.46 -11.20 18.05
N GLY A 533 -0.10 -10.16 17.30
CA GLY A 533 0.83 -10.31 16.18
C GLY A 533 0.37 -11.37 15.20
N PHE A 534 1.19 -12.41 15.05
CA PHE A 534 0.90 -13.51 14.13
C PHE A 534 0.72 -14.83 14.90
N SER A 535 0.37 -14.72 16.19
CA SER A 535 0.22 -15.89 17.05
C SER A 535 -1.09 -16.63 16.78
N ARG A 536 -2.13 -15.87 16.42
CA ARG A 536 -3.43 -16.41 16.12
C ARG A 536 -3.83 -16.05 14.68
N PRO A 537 -4.72 -16.86 14.07
CA PRO A 537 -5.29 -16.48 12.77
C PRO A 537 -6.01 -15.14 12.85
N TRP A 538 -6.00 -14.38 11.75
CA TRP A 538 -6.54 -13.01 11.76
C TRP A 538 -8.02 -12.84 12.17
N PRO A 539 -8.89 -13.85 11.89
CA PRO A 539 -10.29 -13.65 12.30
C PRO A 539 -10.45 -13.36 13.80
N GLU A 540 -9.49 -13.79 14.61
CA GLU A 540 -9.49 -13.51 16.04
C GLU A 540 -9.18 -12.03 16.32
N ALA A 541 -8.19 -11.49 15.62
CA ALA A 541 -7.83 -10.07 15.76
C ALA A 541 -8.91 -9.16 15.19
N MET A 542 -9.53 -9.60 14.09
CA MET A 542 -10.70 -8.94 13.51
C MET A 542 -11.84 -8.88 14.53
N GLN A 543 -12.06 -9.99 15.24
N GLN A 543 -12.05 -10.00 15.22
CA GLN A 543 -13.12 -10.08 16.23
CA GLN A 543 -13.09 -10.12 16.25
C GLN A 543 -12.85 -9.25 17.49
C GLN A 543 -12.83 -9.21 17.45
N LEU A 544 -11.56 -9.11 17.85
CA LEU A 544 -11.16 -8.30 19.00
C LEU A 544 -11.48 -6.81 18.82
N ILE A 545 -11.35 -6.33 17.58
CA ILE A 545 -11.62 -4.94 17.24
C ILE A 545 -13.09 -4.71 16.90
N THR A 546 -13.66 -5.58 16.08
CA THR A 546 -14.97 -5.33 15.47
C THR A 546 -16.16 -6.08 16.07
N GLY A 547 -15.88 -7.08 16.90
CA GLY A 547 -16.93 -7.90 17.50
C GLY A 547 -17.49 -8.92 16.52
N GLN A 548 -16.80 -9.12 15.41
CA GLN A 548 -17.20 -10.08 14.38
C GLN A 548 -15.95 -10.50 13.57
N PRO A 549 -15.95 -11.72 13.01
CA PRO A 549 -14.72 -12.27 12.43
C PRO A 549 -14.52 -12.10 10.91
N ASN A 550 -15.53 -11.60 10.20
CA ASN A 550 -15.47 -11.48 8.74
C ASN A 550 -14.91 -10.15 8.24
N MET A 551 -14.27 -10.19 7.08
CA MET A 551 -14.07 -8.99 6.27
C MET A 551 -15.45 -8.61 5.73
N SER A 552 -15.77 -7.33 5.79
CA SER A 552 -17.08 -6.86 5.32
C SER A 552 -16.98 -5.47 4.71
N ALA A 553 -17.72 -5.27 3.62
CA ALA A 553 -17.74 -3.98 2.93
C ALA A 553 -18.84 -3.06 3.49
N SER A 554 -19.58 -3.57 4.48
CA SER A 554 -20.69 -2.84 5.10
C SER A 554 -20.28 -1.48 5.67
N ALA A 555 -19.18 -1.47 6.42
CA ALA A 555 -18.70 -0.25 7.06
C ALA A 555 -18.32 0.83 6.06
N MET A 556 -17.72 0.43 4.94
CA MET A 556 -17.33 1.37 3.88
C MET A 556 -18.54 1.97 3.17
N LEU A 557 -19.55 1.14 2.92
CA LEU A 557 -20.78 1.59 2.29
C LEU A 557 -21.60 2.46 3.23
N SER A 558 -21.52 2.16 4.52
CA SER A 558 -22.19 2.95 5.55
C SER A 558 -21.60 4.35 5.63
N TYR A 559 -20.27 4.41 5.69
CA TYR A 559 -19.52 5.67 5.69
C TYR A 559 -19.88 6.55 4.49
N PHE A 560 -19.97 5.94 3.31
CA PHE A 560 -20.18 6.68 2.05
C PHE A 560 -21.64 6.71 1.58
N LYS A 561 -22.54 6.17 2.39
CA LYS A 561 -23.98 6.11 2.07
C LYS A 561 -24.61 7.46 1.66
N PRO A 562 -24.28 8.56 2.40
CA PRO A 562 -24.83 9.84 1.94
C PRO A 562 -24.33 10.24 0.55
N LEU A 563 -23.10 9.87 0.22
CA LEU A 563 -22.53 10.17 -1.10
C LEU A 563 -23.13 9.31 -2.21
N LEU A 564 -23.41 8.04 -1.91
CA LEU A 564 -23.99 7.13 -2.89
C LEU A 564 -25.36 7.60 -3.38
N ASP A 565 -26.17 8.11 -2.45
CA ASP A 565 -27.50 8.63 -2.77
C ASP A 565 -27.41 9.87 -3.66
N TRP A 566 -26.52 10.80 -3.28
CA TRP A 566 -26.30 12.03 -4.01
C TRP A 566 -25.77 11.78 -5.42
N LEU A 567 -24.85 10.82 -5.54
CA LEU A 567 -24.29 10.46 -6.84
C LEU A 567 -25.31 9.80 -7.76
N ARG A 568 -26.15 8.94 -7.19
CA ARG A 568 -27.21 8.28 -7.96
C ARG A 568 -28.17 9.30 -8.59
N THR A 569 -28.57 10.29 -7.81
CA THR A 569 -29.46 11.35 -8.28
C THR A 569 -28.78 12.20 -9.35
N GLU A 570 -27.55 12.60 -9.08
CA GLU A 570 -26.76 13.45 -9.98
C GLU A 570 -26.46 12.78 -11.32
N ASN A 571 -26.06 11.51 -11.28
CA ASN A 571 -25.77 10.76 -12.50
C ASN A 571 -27.02 10.42 -13.31
N GLU A 572 -28.14 10.23 -12.63
CA GLU A 572 -29.42 9.96 -13.29
C GLU A 572 -29.98 11.18 -14.01
N LEU A 573 -29.78 12.37 -13.45
CA LEU A 573 -30.27 13.59 -14.06
C LEU A 573 -29.43 14.03 -15.27
N HIS A 574 -28.18 13.56 -15.30
CA HIS A 574 -27.33 13.76 -16.47
C HIS A 574 -27.48 12.63 -17.48
N GLY A 575 -28.22 11.59 -17.09
CA GLY A 575 -28.46 10.43 -17.95
C GLY A 575 -27.20 9.65 -18.26
N GLU A 576 -26.32 9.57 -17.27
CA GLU A 576 -25.04 8.87 -17.40
C GLU A 576 -25.25 7.37 -17.54
N LYS A 577 -24.39 6.73 -18.32
CA LYS A 577 -24.38 5.29 -18.40
C LYS A 577 -23.26 4.76 -17.50
N LEU A 578 -23.65 3.99 -16.50
CA LEU A 578 -22.71 3.44 -15.53
C LEU A 578 -21.87 2.34 -16.15
N GLY A 579 -20.55 2.46 -15.98
CA GLY A 579 -19.62 1.54 -16.58
C GLY A 579 -19.13 2.04 -17.92
N TRP A 580 -18.65 1.11 -18.74
CA TRP A 580 -18.06 1.44 -20.03
C TRP A 580 -18.50 0.41 -21.06
N PRO A 581 -19.76 0.53 -21.55
CA PRO A 581 -20.31 -0.41 -22.55
C PRO A 581 -19.40 -0.51 -23.77
N GLN A 582 -18.84 0.61 -24.20
CA GLN A 582 -17.84 0.65 -25.26
C GLN A 582 -16.44 0.53 -24.64
N TYR A 583 -16.13 -0.68 -24.20
CA TYR A 583 -14.83 -1.01 -23.62
C TYR A 583 -13.69 -0.90 -24.65
N ASN A 584 -14.05 -0.97 -25.94
CA ASN A 584 -13.10 -0.85 -27.04
C ASN A 584 -12.58 0.57 -27.30
N TRP A 585 -13.15 1.56 -26.61
CA TRP A 585 -12.81 2.96 -26.88
C TRP A 585 -11.44 3.37 -26.36
N THR A 586 -10.68 4.03 -27.23
CA THR A 586 -9.40 4.66 -26.90
C THR A 586 -9.38 6.05 -27.52
N PRO A 587 -8.55 6.98 -26.99
CA PRO A 587 -8.51 8.35 -27.52
C PRO A 587 -7.97 8.46 -28.96
N ASN A 588 -8.36 9.52 -29.66
CA ASN A 588 -7.90 9.79 -31.01
C ASN A 588 -6.54 10.48 -31.04
C1 NAG B . 2.23 -23.18 24.17
C2 NAG B . 1.43 -22.90 25.44
C3 NAG B . 1.32 -21.40 25.72
C4 NAG B . 2.64 -20.65 25.55
C5 NAG B . 3.41 -21.12 24.31
C6 NAG B . 4.80 -20.50 24.19
C7 NAG B . -0.27 -24.52 26.10
C8 NAG B . -1.67 -25.04 25.86
N2 NAG B . 0.12 -23.50 25.34
O3 NAG B . 0.84 -21.20 27.03
O4 NAG B . 2.34 -19.27 25.43
O5 NAG B . 3.50 -22.54 24.27
O6 NAG B . 5.74 -21.15 25.00
O7 NAG B . 0.45 -25.06 26.95
C1 NAG B . 2.70 -18.50 26.60
C2 NAG B . 2.92 -17.05 26.19
C3 NAG B . 3.25 -16.16 27.39
C4 NAG B . 2.28 -16.36 28.55
C5 NAG B . 2.02 -17.85 28.80
C6 NAG B . 0.88 -18.06 29.79
C7 NAG B . 3.71 -16.85 23.88
C8 NAG B . 4.92 -16.77 22.99
N2 NAG B . 3.97 -16.96 25.19
O3 NAG B . 3.23 -14.82 26.98
O4 NAG B . 2.83 -15.76 29.71
O5 NAG B . 1.72 -18.56 27.61
O6 NAG B . 0.72 -19.43 30.05
O7 NAG B . 2.58 -16.84 23.39
C1 BMA B . 2.18 -14.53 30.09
C2 BMA B . 1.54 -14.70 31.47
C3 BMA B . 0.93 -13.39 31.98
C4 BMA B . 1.96 -12.26 31.92
C5 BMA B . 2.61 -12.16 30.54
C6 BMA B . 3.77 -11.17 30.57
O2 BMA B . 2.50 -15.19 32.41
O3 BMA B . 0.46 -13.53 33.32
O4 BMA B . 1.31 -11.03 32.27
O5 BMA B . 3.11 -13.43 30.10
O6 BMA B . 3.42 -9.98 29.83
ZN ZN C . 2.27 0.49 4.59
CL CL D . -0.14 -9.20 0.95
CL CL E . 0.03 1.97 -16.01
S SO4 F . 4.36 0.97 2.75
O1 SO4 F . 3.35 -0.10 2.56
O2 SO4 F . 4.49 1.26 4.20
O3 SO4 F . 3.92 2.20 2.05
O4 SO4 F . 5.66 0.54 2.21
O1 PE4 G . -5.80 18.92 -2.67
C1 PE4 G . -7.17 18.52 -2.57
C2 PE4 G . -7.96 19.52 -1.71
O2 PE4 G . -8.75 18.81 -0.75
C3 PE4 G . -9.72 19.64 -0.11
C4 PE4 G . -9.67 19.44 1.40
O3 PE4 G . -10.12 18.13 1.75
C5 PE4 G . -9.91 17.84 3.13
C6 PE4 G . -10.02 16.33 3.39
O4 PE4 G . -9.00 15.64 2.67
C7 PE4 G . -8.62 14.41 3.30
C8 PE4 G . -7.94 13.50 2.28
O5 PE4 G . -6.55 13.80 2.18
C9 PE4 G . -6.04 13.63 0.86
C10 PE4 G . -5.00 14.72 0.56
O6 PE4 G . -5.30 15.38 -0.68
#